data_5JI8
#
_entry.id   5JI8
#
_cell.length_a   24.498
_cell.length_b   34.090
_cell.length_c   39.519
_cell.angle_alpha   70.090
_cell.angle_beta   75.280
_cell.angle_gamma   73.240
#
_symmetry.space_group_name_H-M   'P 1'
#
loop_
_entity.id
_entity.type
_entity.pdbx_description
1 polymer 'Bromodomain-containing protein 9'
2 non-polymer 2-amino-1,3-benzothiazole-6-carboxamide
3 water water
#
_entity_poly.entity_id   1
_entity_poly.type   'polypeptide(L)'
_entity_poly.pdbx_seq_one_letter_code
;ESTPIQQLLEHFLRQLQRKDPHGFFAFPVTDAIAPGYSMIIKHPMDFGTMKDKIVANEYKSVTEFKADFKLMCDNAMTYN
RPDTVYYKLAKKILHAGFKMMSKLEHHHHHH
;
_entity_poly.pdbx_strand_id   A
#
# COMPACT_ATOMS: atom_id res chain seq x y z
N THR A 3 19.20 -7.28 -7.14
CA THR A 3 20.00 -6.08 -6.90
C THR A 3 19.86 -5.61 -5.46
N PRO A 4 20.82 -4.80 -4.97
CA PRO A 4 20.69 -4.24 -3.62
C PRO A 4 19.35 -3.57 -3.37
N ILE A 5 18.90 -2.72 -4.30
CA ILE A 5 17.62 -2.03 -4.11
C ILE A 5 16.48 -3.03 -4.06
N GLN A 6 16.45 -4.01 -4.96
CA GLN A 6 15.36 -4.97 -4.95
C GLN A 6 15.33 -5.73 -3.62
N GLN A 7 16.51 -6.08 -3.10
CA GLN A 7 16.57 -6.78 -1.82
C GLN A 7 16.04 -5.91 -0.68
N LEU A 8 16.43 -4.64 -0.64
CA LEU A 8 15.94 -3.76 0.41
C LEU A 8 14.43 -3.58 0.31
N LEU A 9 13.92 -3.37 -0.90
CA LEU A 9 12.48 -3.16 -1.05
C LEU A 9 11.70 -4.43 -0.71
N GLU A 10 12.22 -5.62 -1.04
CA GLU A 10 11.57 -6.84 -0.61
C GLU A 10 11.50 -6.91 0.90
N HIS A 11 12.57 -6.48 1.57
CA HIS A 11 12.59 -6.48 3.02
C HIS A 11 11.53 -5.51 3.56
N PHE A 12 11.50 -4.29 3.05
CA PHE A 12 10.50 -3.34 3.48
C PHE A 12 9.10 -3.87 3.25
N LEU A 13 8.86 -4.43 2.06
CA LEU A 13 7.51 -4.92 1.76
C LEU A 13 7.10 -6.03 2.73
N ARG A 14 7.99 -6.97 3.04
CA ARG A 14 7.64 -7.99 4.01
C ARG A 14 7.27 -7.38 5.35
N GLN A 15 8.03 -6.39 5.80
CA GLN A 15 7.76 -5.79 7.09
C GLN A 15 6.45 -5.01 7.07
N LEU A 16 6.15 -4.35 5.98
CA LEU A 16 4.90 -3.60 5.86
C LEU A 16 3.71 -4.54 5.83
N GLN A 17 3.81 -5.62 5.06
CA GLN A 17 2.68 -6.54 4.96
C GLN A 17 2.39 -7.25 6.27
N ARG A 18 3.41 -7.45 7.14
CA ARG A 18 3.17 -8.02 8.45
C ARG A 18 2.19 -7.18 9.26
N LYS A 19 2.07 -5.89 8.96
CA LYS A 19 1.17 -4.99 9.68
C LYS A 19 -0.25 -5.05 9.17
N ASP A 20 -0.51 -5.86 8.13
CA ASP A 20 -1.85 -6.03 7.55
C ASP A 20 -2.17 -7.52 7.55
N PRO A 21 -2.37 -8.11 8.73
CA PRO A 21 -2.54 -9.58 8.82
C PRO A 21 -3.78 -10.10 8.11
N HIS A 22 -4.83 -9.28 7.99
CA HIS A 22 -6.02 -9.70 7.25
C HIS A 22 -5.85 -9.57 5.74
N GLY A 23 -4.79 -8.92 5.28
CA GLY A 23 -4.64 -8.73 3.86
C GLY A 23 -5.61 -7.76 3.25
N PHE A 24 -6.08 -6.77 4.01
CA PHE A 24 -6.94 -5.74 3.44
C PHE A 24 -6.28 -5.06 2.25
N PHE A 25 -4.95 -4.97 2.23
CA PHE A 25 -4.20 -4.26 1.22
C PHE A 25 -3.34 -5.20 0.37
N ALA A 26 -3.62 -6.50 0.45
CA ALA A 26 -2.81 -7.48 -0.26
C ALA A 26 -3.01 -7.45 -1.76
N PHE A 27 -4.21 -7.12 -2.22
CA PHE A 27 -4.58 -7.24 -3.62
C PHE A 27 -5.37 -6.03 -4.04
N PRO A 28 -5.49 -5.77 -5.34
CA PRO A 28 -6.32 -4.62 -5.77
C PRO A 28 -7.71 -4.75 -5.22
N VAL A 29 -8.28 -3.60 -4.82
CA VAL A 29 -9.64 -3.53 -4.31
C VAL A 29 -10.61 -3.70 -5.46
N THR A 30 -11.58 -4.59 -5.31
CA THR A 30 -12.61 -4.76 -6.32
C THR A 30 -13.82 -3.89 -6.00
N ASP A 31 -14.51 -3.44 -7.05
CA ASP A 31 -15.76 -2.70 -6.87
C ASP A 31 -16.82 -3.55 -6.18
N ALA A 32 -16.78 -4.87 -6.37
CA ALA A 32 -17.70 -5.74 -5.66
C ALA A 32 -17.53 -5.59 -4.17
N ILE A 33 -16.28 -5.55 -3.69
CA ILE A 33 -16.03 -5.38 -2.27
C ILE A 33 -16.31 -3.94 -1.86
N ALA A 34 -15.99 -2.99 -2.73
CA ALA A 34 -15.99 -1.57 -2.39
C ALA A 34 -16.72 -0.82 -3.48
N PRO A 35 -18.04 -0.67 -3.36
CA PRO A 35 -18.80 -0.10 -4.49
C PRO A 35 -18.26 1.26 -4.91
N GLY A 36 -18.24 1.48 -6.23
CA GLY A 36 -17.77 2.72 -6.81
C GLY A 36 -16.29 2.99 -6.65
N TYR A 37 -15.51 2.01 -6.18
CA TYR A 37 -14.10 2.27 -5.89
C TYR A 37 -13.39 2.81 -7.12
N SER A 38 -13.57 2.14 -8.27
CA SER A 38 -12.87 2.55 -9.47
C SER A 38 -13.33 3.90 -9.98
N MET A 39 -14.50 4.38 -9.55
CA MET A 39 -14.95 5.71 -9.91
C MET A 39 -14.30 6.79 -9.04
N ILE A 40 -13.91 6.43 -7.82
CA ILE A 40 -13.44 7.39 -6.83
C ILE A 40 -11.91 7.48 -6.80
N ILE A 41 -11.22 6.35 -6.97
CA ILE A 41 -9.78 6.27 -6.81
C ILE A 41 -9.17 6.15 -8.19
N LYS A 42 -8.39 7.17 -8.59
CA LYS A 42 -7.89 7.20 -9.95
C LYS A 42 -6.64 6.35 -10.14
N HIS A 43 -5.84 6.17 -9.09
CA HIS A 43 -4.54 5.52 -9.19
C HIS A 43 -4.44 4.45 -8.11
N PRO A 44 -5.10 3.31 -8.32
CA PRO A 44 -5.13 2.28 -7.29
C PRO A 44 -3.74 1.71 -7.04
N MET A 45 -3.54 1.21 -5.82
CA MET A 45 -2.28 0.59 -5.46
C MET A 45 -2.57 -0.42 -4.35
N ASP A 46 -1.69 -1.41 -4.24
CA ASP A 46 -1.83 -2.48 -3.25
C ASP A 46 -0.48 -3.20 -3.14
N PHE A 47 -0.31 -3.97 -2.08
CA PHE A 47 0.97 -4.63 -1.84
C PHE A 47 1.32 -5.62 -2.93
N GLY A 48 0.33 -6.28 -3.52
CA GLY A 48 0.65 -7.25 -4.55
C GLY A 48 1.20 -6.59 -5.79
N THR A 49 0.58 -5.48 -6.20
CA THR A 49 1.09 -4.70 -7.31
C THR A 49 2.50 -4.20 -7.00
N MET A 50 2.74 -3.80 -5.76
CA MET A 50 4.07 -3.35 -5.37
C MET A 50 5.07 -4.48 -5.50
N LYS A 51 4.72 -5.67 -5.04
CA LYS A 51 5.64 -6.81 -5.17
C LYS A 51 5.99 -7.04 -6.63
N ASP A 52 4.98 -7.01 -7.50
CA ASP A 52 5.23 -7.26 -8.91
C ASP A 52 6.14 -6.19 -9.50
N LYS A 53 6.00 -4.96 -9.03
CA LYS A 53 6.87 -3.89 -9.52
C LYS A 53 8.29 -4.08 -9.02
N ILE A 54 8.48 -4.58 -7.79
CA ILE A 54 9.84 -4.92 -7.37
C ILE A 54 10.42 -5.97 -8.30
N VAL A 55 9.69 -7.08 -8.49
CA VAL A 55 10.21 -8.17 -9.32
C VAL A 55 10.50 -7.72 -10.74
N ALA A 56 9.68 -6.83 -11.28
CA ALA A 56 9.90 -6.30 -12.63
C ALA A 56 11.00 -5.24 -12.67
N ASN A 57 11.63 -4.95 -11.52
CA ASN A 57 12.66 -3.93 -11.41
C ASN A 57 12.17 -2.56 -11.87
N GLU A 58 10.95 -2.21 -11.48
CA GLU A 58 10.35 -0.94 -11.85
C GLU A 58 10.64 0.18 -10.85
N TYR A 59 11.11 -0.13 -9.63
CA TYR A 59 11.48 0.89 -8.65
C TYR A 59 12.97 1.12 -8.75
N LYS A 60 13.36 2.37 -8.99
CA LYS A 60 14.78 2.69 -9.08
C LYS A 60 15.30 3.44 -7.87
N SER A 61 14.44 3.73 -6.90
CA SER A 61 14.85 4.39 -5.67
C SER A 61 13.88 3.99 -4.58
N VAL A 62 14.33 4.10 -3.34
CA VAL A 62 13.44 3.92 -2.21
C VAL A 62 12.34 4.98 -2.23
N THR A 63 12.65 6.19 -2.69
CA THR A 63 11.63 7.25 -2.79
C THR A 63 10.43 6.79 -3.61
N GLU A 64 10.68 6.14 -4.74
CA GLU A 64 9.58 5.66 -5.58
C GLU A 64 8.72 4.61 -4.88
N PHE A 65 9.36 3.71 -4.15
CA PHE A 65 8.63 2.68 -3.41
C PHE A 65 7.78 3.29 -2.32
N LYS A 66 8.37 4.22 -1.55
CA LYS A 66 7.62 4.90 -0.50
C LYS A 66 6.42 5.64 -1.05
N ALA A 67 6.56 6.22 -2.24
CA ALA A 67 5.44 6.94 -2.84
C ALA A 67 4.28 6.01 -3.15
N ASP A 68 4.56 4.81 -3.66
CA ASP A 68 3.50 3.83 -3.88
C ASP A 68 2.86 3.38 -2.57
N PHE A 69 3.67 3.13 -1.54
CA PHE A 69 3.10 2.79 -0.24
C PHE A 69 2.17 3.90 0.25
N LYS A 70 2.62 5.15 0.16
CA LYS A 70 1.78 6.25 0.60
C LYS A 70 0.50 6.33 -0.23
N LEU A 71 0.62 6.13 -1.55
CA LEU A 71 -0.55 6.16 -2.42
C LEU A 71 -1.59 5.13 -1.99
N MET A 72 -1.15 3.90 -1.68
CA MET A 72 -2.05 2.86 -1.21
CA MET A 72 -2.06 2.87 -1.22
C MET A 72 -2.80 3.33 0.03
N CYS A 73 -2.08 3.90 0.99
CA CYS A 73 -2.69 4.33 2.23
C CYS A 73 -3.60 5.51 2.01
N ASP A 74 -3.16 6.49 1.20
CA ASP A 74 -3.99 7.67 0.92
C ASP A 74 -5.27 7.26 0.23
N ASN A 75 -5.20 6.30 -0.69
CA ASN A 75 -6.42 5.84 -1.37
C ASN A 75 -7.40 5.27 -0.36
N ALA A 76 -6.92 4.48 0.60
CA ALA A 76 -7.79 3.88 1.60
C ALA A 76 -8.39 4.95 2.49
N MET A 77 -7.63 6.01 2.78
CA MET A 77 -8.16 7.09 3.60
CA MET A 77 -8.16 7.09 3.60
C MET A 77 -9.06 8.02 2.81
N THR A 78 -9.02 7.98 1.49
CA THR A 78 -9.95 8.77 0.69
C THR A 78 -11.27 8.04 0.52
N TYR A 79 -11.21 6.73 0.27
CA TYR A 79 -12.41 5.97 -0.05
C TYR A 79 -13.20 5.59 1.21
N ASN A 80 -12.53 5.10 2.23
CA ASN A 80 -13.24 4.61 3.41
C ASN A 80 -13.46 5.75 4.40
N ARG A 81 -14.60 5.69 5.09
CA ARG A 81 -14.92 6.70 6.10
C ARG A 81 -13.99 6.54 7.31
N PRO A 82 -13.71 7.63 8.03
CA PRO A 82 -12.75 7.56 9.15
C PRO A 82 -13.10 6.53 10.21
N ASP A 83 -14.37 6.17 10.40
CA ASP A 83 -14.74 5.25 11.47
C ASP A 83 -14.64 3.79 11.06
N THR A 84 -14.00 3.49 9.93
CA THR A 84 -13.93 2.13 9.44
C THR A 84 -12.58 1.51 9.76
N VAL A 85 -12.59 0.18 9.86
CA VAL A 85 -11.36 -0.57 10.13
C VAL A 85 -10.31 -0.29 9.06
N TYR A 86 -10.73 -0.12 7.81
CA TYR A 86 -9.80 0.07 6.72
C TYR A 86 -9.09 1.41 6.79
N TYR A 87 -9.84 2.48 7.06
CA TYR A 87 -9.24 3.79 7.25
C TYR A 87 -8.27 3.78 8.42
N LYS A 88 -8.68 3.23 9.56
CA LYS A 88 -7.82 3.27 10.74
C LYS A 88 -6.52 2.51 10.49
N LEU A 89 -6.59 1.34 9.85
CA LEU A 89 -5.36 0.61 9.58
C LEU A 89 -4.48 1.35 8.58
N ALA A 90 -5.07 1.90 7.51
CA ALA A 90 -4.28 2.64 6.54
C ALA A 90 -3.53 3.79 7.21
N LYS A 91 -4.19 4.54 8.09
CA LYS A 91 -3.49 5.64 8.76
C LYS A 91 -2.39 5.11 9.66
N LYS A 92 -2.68 4.07 10.44
CA LYS A 92 -1.70 3.48 11.34
C LYS A 92 -0.47 3.00 10.58
N ILE A 93 -0.68 2.23 9.51
CA ILE A 93 0.46 1.65 8.83
C ILE A 93 1.21 2.67 8.00
N LEU A 94 0.54 3.72 7.54
CA LEU A 94 1.25 4.78 6.84
C LEU A 94 2.33 5.37 7.73
N HIS A 95 1.92 5.78 8.94
CA HIS A 95 2.86 6.45 9.84
C HIS A 95 3.91 5.47 10.33
N ALA A 96 3.47 4.27 10.75
CA ALA A 96 4.43 3.30 11.29
C ALA A 96 5.36 2.81 10.20
N GLY A 97 4.84 2.66 8.99
CA GLY A 97 5.65 2.19 7.88
C GLY A 97 6.73 3.17 7.47
N PHE A 98 6.40 4.47 7.39
CA PHE A 98 7.41 5.47 7.13
C PHE A 98 8.46 5.49 8.22
N LYS A 99 8.04 5.38 9.49
CA LYS A 99 9.00 5.34 10.59
C LYS A 99 9.90 4.13 10.49
N MET A 100 9.31 2.97 10.20
CA MET A 100 10.10 1.74 10.06
C MET A 100 11.15 1.89 8.97
N MET A 101 10.75 2.43 7.82
CA MET A 101 11.69 2.57 6.70
C MET A 101 12.78 3.59 7.01
N SER A 102 12.52 4.54 7.89
CA SER A 102 13.54 5.47 8.34
C SER A 102 14.44 4.79 9.37
#